data_1RUP
#
_entry.id   1RUP
#
_cell.length_a   64.197
_cell.length_b   64.197
_cell.length_c   266.475
_cell.angle_alpha   90.00
_cell.angle_beta   90.00
_cell.angle_gamma   90.00
#
_symmetry.space_group_name_H-M   'P 41 21 2'
#
loop_
_entity.id
_entity.type
_entity.pdbx_description
1 polymer 'immunoglobulin igg2a, heavy chain'
2 polymer 'immunoglobulin igg2a, light chain'
3 non-polymer 'BENZOIC ACID'
4 non-polymer GLYCEROL
5 water water
#
loop_
_entity_poly.entity_id
_entity_poly.type
_entity_poly.pdbx_seq_one_letter_code
_entity_poly.pdbx_strand_id
1 'polypeptide(L)'
;DVVMTQSPKTISVTIGQPASISCKSSQRLLNSNGKTFLNWLLQRPGQSPKRLIYLGTKLDSGVPDRFTGSGSGTDFTLKI
SRVEAEDLGVYYCWQGTHFPYTFGGGTKLEIKRADAAPTVSIFPPSSEQLTSGGASVVCFLNNFYPKDINVKWKIDGSER
QNGVLNSWTDQDSKDSTYSMSSTLTLTKDEYERHNSYTCEATHKTSTSPIVKSFNRNEC
;
L
2 'polypeptide(L)'
;RVQLQQSGPGLVKPSQSLSLTCTVTGYSITSDFAWNWIRQFPGNKLEWMGYINYSGFTSHNPSLKSRISITRDTSKNQFF
LQLNSVTTEDTATYYCAGLLWYDGGAGSWGQGTLVTVSAAKTTAPSVYPLAPVCGDTTGSSVTLGCLVKGYFPEPVTLTW
NSGSLSSGVHTFPAVLQSDLYTLSSSVTVTSSTWPSQSITCNVAHPASSTKVDKKIEPRGPT
;
H
#
loop_
_chem_comp.id
_chem_comp.type
_chem_comp.name
_chem_comp.formula
BEZ non-polymer 'BENZOIC ACID' 'C7 H6 O2'
GOL non-polymer GLYCEROL 'C3 H8 O3'
#
# COMPACT_ATOMS: atom_id res chain seq x y z
N ASP A 1 -20.73 21.04 -3.50
CA ASP A 1 -20.26 19.83 -4.17
C ASP A 1 -21.14 18.63 -3.79
N VAL A 2 -21.22 17.68 -4.72
CA VAL A 2 -21.97 16.47 -4.50
C VAL A 2 -21.25 15.58 -3.48
N VAL A 3 -21.98 15.18 -2.45
CA VAL A 3 -21.45 14.24 -1.47
C VAL A 3 -21.90 12.83 -1.84
N MET A 4 -20.95 11.93 -1.87
CA MET A 4 -21.15 10.52 -2.22
C MET A 4 -20.94 9.69 -0.96
N THR A 5 -22.02 9.12 -0.48
CA THR A 5 -21.99 8.42 0.80
C THR A 5 -22.07 6.90 0.59
N GLN A 6 -21.02 6.18 0.95
CA GLN A 6 -21.06 4.74 0.80
C GLN A 6 -21.39 4.07 2.13
N SER A 7 -22.13 2.97 1.99
CA SER A 7 -22.36 2.11 3.11
C SER A 7 -22.41 0.66 2.65
N PRO A 8 -21.97 -0.27 3.49
CA PRO A 8 -21.40 -0.05 4.80
C PRO A 8 -19.95 0.40 4.63
N LYS A 9 -19.36 0.78 5.76
CA LYS A 9 -17.96 1.21 5.73
C LYS A 9 -17.02 0.03 5.45
N THR A 10 -17.42 -1.13 5.98
CA THR A 10 -16.67 -2.37 5.85
C THR A 10 -17.63 -3.54 5.68
N ILE A 11 -17.22 -4.58 5.01
CA ILE A 11 -18.06 -5.78 4.87
C ILE A 11 -17.14 -6.97 4.91
N SER A 12 -17.53 -8.06 5.55
CA SER A 12 -16.72 -9.27 5.65
C SER A 12 -17.58 -10.38 5.06
N VAL A 13 -17.10 -11.07 4.06
CA VAL A 13 -17.88 -11.99 3.25
C VAL A 13 -17.09 -13.28 3.04
N THR A 14 -17.76 -14.39 3.19
CA THR A 14 -17.16 -15.68 2.88
C THR A 14 -17.04 -15.89 1.38
N ILE A 15 -15.96 -16.52 0.94
CA ILE A 15 -15.79 -16.84 -0.48
C ILE A 15 -16.98 -17.68 -0.95
N GLY A 16 -17.53 -17.22 -2.06
CA GLY A 16 -18.65 -17.81 -2.75
C GLY A 16 -20.01 -17.21 -2.42
N GLN A 17 -20.06 -16.32 -1.43
CA GLN A 17 -21.27 -15.64 -1.00
C GLN A 17 -21.40 -14.28 -1.70
N PRO A 18 -22.60 -13.73 -1.84
CA PRO A 18 -22.78 -12.43 -2.46
C PRO A 18 -22.34 -11.28 -1.58
N ALA A 19 -22.10 -10.16 -2.24
CA ALA A 19 -21.81 -8.93 -1.52
C ALA A 19 -22.61 -7.81 -2.16
N SER A 20 -23.04 -6.85 -1.36
CA SER A 20 -23.81 -5.74 -1.92
C SER A 20 -23.36 -4.52 -1.16
N ILE A 21 -23.08 -3.42 -1.86
CA ILE A 21 -22.72 -2.14 -1.21
C ILE A 21 -23.47 -1.01 -1.88
N SER A 22 -23.72 0.06 -1.18
CA SER A 22 -24.57 1.14 -1.60
C SER A 22 -23.78 2.45 -1.69
N CYS A 23 -24.22 3.26 -2.65
CA CYS A 23 -23.65 4.58 -2.75
C CYS A 23 -24.86 5.50 -2.93
N LYS A 24 -24.96 6.52 -2.11
CA LYS A 24 -26.01 7.53 -2.22
C LYS A 24 -25.43 8.91 -2.49
N SER A 25 -25.91 9.56 -3.56
CA SER A 25 -25.42 10.85 -3.94
C SER A 25 -26.35 11.92 -3.41
N SER A 26 -25.76 13.08 -3.12
CA SER A 26 -26.61 14.18 -2.63
C SER A 26 -27.39 14.91 -3.71
N GLN A 27 -27.11 14.65 -4.98
CA GLN A 27 -27.85 15.24 -6.09
C GLN A 27 -28.02 14.13 -7.13
N ARG A 28 -29.10 14.25 -7.90
CA ARG A 28 -29.32 13.30 -9.00
C ARG A 28 -28.16 13.31 -9.98
N LEU A 29 -27.82 12.11 -10.49
CA LEU A 29 -26.70 12.02 -11.40
C LEU A 29 -27.05 11.78 -12.85
N LEU A 30 -28.33 11.77 -13.18
CA LEU A 30 -28.77 11.78 -14.57
C LEU A 30 -28.42 13.07 -15.30
N ASN A 31 -27.99 13.00 -16.56
CA ASN A 31 -27.66 14.26 -17.25
C ASN A 31 -28.66 14.65 -18.33
N SER A 32 -28.39 15.71 -19.09
CA SER A 32 -29.44 16.23 -19.99
C SER A 32 -29.56 15.39 -21.27
N ASN A 33 -28.73 14.36 -21.38
CA ASN A 33 -28.72 13.52 -22.58
C ASN A 33 -29.09 12.08 -22.22
N GLY A 34 -29.52 11.85 -20.98
CA GLY A 34 -29.96 10.54 -20.55
C GLY A 34 -28.86 9.65 -19.95
N LYS A 35 -27.64 10.15 -19.85
CA LYS A 35 -26.51 9.40 -19.28
C LYS A 35 -26.40 9.60 -17.79
N THR A 36 -25.98 8.57 -17.06
CA THR A 36 -25.74 8.75 -15.63
C THR A 36 -24.27 8.49 -15.41
N PHE A 37 -23.48 9.51 -15.07
CA PHE A 37 -22.02 9.35 -14.93
C PHE A 37 -21.72 8.87 -13.54
N LEU A 38 -22.02 7.63 -13.27
CA LEU A 38 -21.75 7.03 -11.95
C LEU A 38 -20.86 5.84 -12.22
N ASN A 39 -19.66 5.79 -11.65
CA ASN A 39 -18.79 4.67 -11.82
C ASN A 39 -18.51 4.00 -10.47
N TRP A 40 -18.23 2.69 -10.52
CA TRP A 40 -17.69 1.97 -9.38
C TRP A 40 -16.27 1.51 -9.74
N LEU A 41 -15.37 1.55 -8.77
CA LEU A 41 -13.96 1.19 -8.92
C LEU A 41 -13.56 0.29 -7.74
N LEU A 42 -12.55 -0.52 -8.00
CA LEU A 42 -11.93 -1.29 -6.92
C LEU A 42 -10.44 -0.93 -6.84
N GLN A 43 -10.02 -0.68 -5.59
CA GLN A 43 -8.60 -0.51 -5.33
C GLN A 43 -8.09 -1.70 -4.49
N ARG A 44 -7.34 -2.60 -5.14
CA ARG A 44 -6.72 -3.74 -4.46
C ARG A 44 -5.50 -3.24 -3.68
N PRO A 45 -5.09 -3.93 -2.65
CA PRO A 45 -3.93 -3.47 -1.87
C PRO A 45 -2.70 -3.31 -2.75
N GLY A 46 -2.06 -2.14 -2.55
CA GLY A 46 -0.86 -1.88 -3.32
C GLY A 46 -1.12 -1.40 -4.75
N GLN A 47 -2.35 -1.32 -5.24
CA GLN A 47 -2.59 -0.90 -6.60
C GLN A 47 -3.33 0.43 -6.69
N SER A 48 -3.40 0.91 -7.93
CA SER A 48 -4.31 2.00 -8.22
C SER A 48 -5.77 1.53 -8.23
N PRO A 49 -6.70 2.48 -8.06
CA PRO A 49 -8.09 2.15 -8.35
C PRO A 49 -8.19 1.69 -9.80
N LYS A 50 -9.15 0.80 -10.07
CA LYS A 50 -9.41 0.25 -11.39
C LYS A 50 -10.90 0.18 -11.65
N ARG A 51 -11.21 0.29 -12.96
CA ARG A 51 -12.60 0.34 -13.37
C ARG A 51 -13.36 -0.93 -13.05
N LEU A 52 -14.67 -0.77 -12.84
CA LEU A 52 -15.60 -1.87 -12.63
C LEU A 52 -16.89 -1.62 -13.41
N ILE A 53 -17.60 -0.57 -13.06
CA ILE A 53 -18.89 -0.21 -13.62
C ILE A 53 -18.83 1.24 -14.11
N TYR A 54 -19.51 1.50 -15.22
CA TYR A 54 -19.69 2.90 -15.57
C TYR A 54 -21.11 3.13 -16.07
N LEU A 55 -21.49 4.40 -16.28
CA LEU A 55 -22.82 4.75 -16.79
C LEU A 55 -23.88 4.19 -15.84
N GLY A 56 -23.53 4.03 -14.57
CA GLY A 56 -24.43 3.53 -13.53
C GLY A 56 -24.63 2.04 -13.56
N THR A 57 -24.88 1.46 -14.76
CA THR A 57 -25.36 0.09 -14.81
C THR A 57 -24.55 -0.77 -15.75
N LYS A 58 -23.48 -0.26 -16.35
CA LYS A 58 -22.77 -0.93 -17.45
C LYS A 58 -21.44 -1.51 -16.99
N LEU A 59 -21.17 -2.74 -17.41
CA LEU A 59 -19.90 -3.36 -17.06
C LEU A 59 -18.77 -2.65 -17.82
N ASP A 60 -17.69 -2.25 -17.14
CA ASP A 60 -16.64 -1.53 -17.86
C ASP A 60 -15.73 -2.55 -18.56
N SER A 61 -14.79 -2.03 -19.33
CA SER A 61 -14.04 -2.85 -20.29
C SER A 61 -13.23 -3.88 -19.54
N GLY A 62 -13.38 -5.16 -19.89
CA GLY A 62 -12.56 -6.21 -19.30
C GLY A 62 -13.00 -6.68 -17.95
N VAL A 63 -14.03 -6.12 -17.34
CA VAL A 63 -14.38 -6.46 -15.97
C VAL A 63 -15.18 -7.75 -15.84
N PRO A 64 -14.90 -8.63 -14.90
CA PRO A 64 -15.65 -9.88 -14.76
C PRO A 64 -17.14 -9.60 -14.63
N ASP A 65 -17.98 -10.42 -15.26
CA ASP A 65 -19.42 -10.21 -15.17
C ASP A 65 -20.02 -10.55 -13.82
N ARG A 66 -19.23 -10.91 -12.81
CA ARG A 66 -19.78 -11.10 -11.48
C ARG A 66 -20.19 -9.79 -10.80
N PHE A 67 -19.72 -8.67 -11.33
CA PHE A 67 -20.02 -7.35 -10.81
C PHE A 67 -21.21 -6.75 -11.53
N THR A 68 -22.22 -6.26 -10.81
CA THR A 68 -23.39 -5.60 -11.37
C THR A 68 -23.67 -4.28 -10.69
N GLY A 69 -23.91 -3.24 -11.47
CA GLY A 69 -24.36 -1.98 -10.88
C GLY A 69 -25.84 -1.81 -11.24
N SER A 70 -26.51 -1.30 -10.22
CA SER A 70 -27.93 -1.00 -10.39
C SER A 70 -28.24 0.35 -9.71
N GLY A 71 -29.45 0.84 -9.98
CA GLY A 71 -29.95 2.02 -9.32
C GLY A 71 -30.09 3.16 -10.32
N SER A 72 -30.53 4.29 -9.78
CA SER A 72 -30.75 5.48 -10.59
C SER A 72 -31.03 6.62 -9.63
N GLY A 73 -31.06 7.81 -10.20
CA GLY A 73 -31.35 9.03 -9.48
C GLY A 73 -30.24 9.34 -8.49
N THR A 74 -30.45 9.01 -7.22
CA THR A 74 -29.42 9.25 -6.23
C THR A 74 -28.97 7.96 -5.56
N ASP A 75 -29.59 6.83 -5.83
CA ASP A 75 -29.23 5.65 -5.02
C ASP A 75 -28.73 4.53 -5.91
N PHE A 76 -27.54 4.06 -5.66
CA PHE A 76 -26.86 3.10 -6.52
C PHE A 76 -26.37 1.93 -5.70
N THR A 77 -26.27 0.78 -6.34
CA THR A 77 -25.85 -0.44 -5.69
C THR A 77 -24.87 -1.20 -6.58
N LEU A 78 -23.82 -1.70 -5.96
CA LEU A 78 -22.89 -2.62 -6.58
C LEU A 78 -23.04 -3.99 -5.96
N LYS A 79 -23.28 -4.99 -6.78
CA LYS A 79 -23.37 -6.36 -6.28
C LYS A 79 -22.29 -7.23 -6.87
N ILE A 80 -21.74 -8.09 -6.03
CA ILE A 80 -20.85 -9.15 -6.49
C ILE A 80 -21.59 -10.46 -6.29
N SER A 81 -21.78 -11.23 -7.38
CA SER A 81 -22.72 -12.34 -7.25
C SER A 81 -22.13 -13.41 -6.37
N ARG A 82 -20.82 -13.66 -6.49
CA ARG A 82 -20.14 -14.65 -5.67
C ARG A 82 -18.72 -14.11 -5.45
N VAL A 83 -18.41 -13.83 -4.19
CA VAL A 83 -17.11 -13.25 -3.87
C VAL A 83 -15.96 -14.22 -4.04
N GLU A 84 -14.88 -13.71 -4.58
CA GLU A 84 -13.61 -14.39 -4.69
C GLU A 84 -12.54 -13.70 -3.85
N ALA A 85 -11.51 -14.40 -3.42
CA ALA A 85 -10.53 -13.73 -2.55
C ALA A 85 -9.87 -12.52 -3.19
N GLU A 86 -9.66 -12.51 -4.52
CA GLU A 86 -9.03 -11.37 -5.16
C GLU A 86 -9.98 -10.20 -5.30
N ASP A 87 -11.24 -10.31 -4.86
CA ASP A 87 -12.11 -9.16 -4.82
C ASP A 87 -11.83 -8.26 -3.62
N LEU A 88 -10.94 -8.69 -2.70
CA LEU A 88 -10.78 -7.87 -1.50
C LEU A 88 -10.13 -6.54 -1.86
N GLY A 89 -10.43 -5.56 -1.03
CA GLY A 89 -9.87 -4.23 -1.29
C GLY A 89 -10.91 -3.17 -1.00
N VAL A 90 -10.72 -1.95 -1.54
CA VAL A 90 -11.66 -0.88 -1.24
C VAL A 90 -12.40 -0.53 -2.52
N TYR A 91 -13.72 -0.55 -2.42
CA TYR A 91 -14.62 -0.15 -3.50
C TYR A 91 -15.02 1.29 -3.36
N TYR A 92 -14.91 2.05 -4.46
CA TYR A 92 -15.35 3.43 -4.46
C TYR A 92 -16.40 3.68 -5.53
N CYS A 93 -17.28 4.62 -5.22
CA CYS A 93 -18.13 5.17 -6.26
C CYS A 93 -17.56 6.53 -6.67
N TRP A 94 -17.94 7.00 -7.83
CA TRP A 94 -17.48 8.28 -8.37
C TRP A 94 -18.58 8.87 -9.24
N GLN A 95 -18.80 10.18 -9.15
CA GLN A 95 -19.77 10.81 -10.04
C GLN A 95 -19.07 11.82 -10.94
N GLY A 96 -19.46 11.85 -12.21
CA GLY A 96 -18.97 12.78 -13.24
C GLY A 96 -20.07 13.71 -13.70
N THR A 97 -21.24 13.74 -13.06
CA THR A 97 -22.33 14.58 -13.62
C THR A 97 -22.25 16.03 -13.17
N HIS A 98 -21.80 16.23 -11.94
CA HIS A 98 -21.75 17.54 -11.31
C HIS A 98 -20.33 17.95 -10.99
N PHE A 99 -19.89 19.06 -11.57
CA PHE A 99 -18.60 19.59 -11.23
C PHE A 99 -18.60 20.16 -9.82
N PRO A 100 -17.56 20.01 -9.00
CA PRO A 100 -16.39 19.16 -9.25
C PRO A 100 -16.70 17.70 -8.98
N TYR A 101 -16.02 16.84 -9.74
CA TYR A 101 -16.28 15.39 -9.66
C TYR A 101 -15.81 14.87 -8.30
N THR A 102 -16.59 13.95 -7.75
CA THR A 102 -16.31 13.52 -6.39
C THR A 102 -16.42 12.00 -6.27
N PHE A 103 -15.66 11.49 -5.31
CA PHE A 103 -15.65 10.09 -4.95
C PHE A 103 -16.31 9.82 -3.62
N GLY A 104 -16.91 8.64 -3.50
CA GLY A 104 -17.35 8.17 -2.17
C GLY A 104 -16.13 7.91 -1.28
N GLY A 105 -16.37 7.68 0.01
CA GLY A 105 -15.32 7.43 0.97
C GLY A 105 -14.76 6.02 1.02
N GLY A 106 -15.30 5.10 0.24
CA GLY A 106 -14.78 3.72 0.19
C GLY A 106 -15.52 2.80 1.10
N THR A 107 -15.64 1.58 0.61
CA THR A 107 -16.12 0.44 1.38
C THR A 107 -15.06 -0.66 1.31
N LYS A 108 -14.53 -1.08 2.46
CA LYS A 108 -13.51 -2.12 2.43
C LYS A 108 -14.11 -3.53 2.50
N LEU A 109 -13.88 -4.34 1.50
CA LEU A 109 -14.30 -5.73 1.49
C LEU A 109 -13.17 -6.60 2.06
N GLU A 110 -13.53 -7.34 3.10
CA GLU A 110 -12.69 -8.31 3.76
C GLU A 110 -13.27 -9.68 3.51
N ILE A 111 -12.34 -10.61 3.34
CA ILE A 111 -12.74 -11.99 3.15
C ILE A 111 -12.78 -12.72 4.49
N LYS A 112 -13.90 -13.39 4.77
CA LYS A 112 -14.03 -14.08 6.04
C LYS A 112 -13.45 -15.46 5.85
N ARG A 113 -12.59 -15.98 6.72
CA ARG A 113 -12.04 -17.34 6.58
C ARG A 113 -11.94 -17.96 7.98
N ALA A 114 -11.50 -19.21 8.06
CA ALA A 114 -11.40 -19.82 9.38
C ALA A 114 -10.23 -19.19 10.11
N ASP A 115 -10.35 -19.15 11.43
CA ASP A 115 -9.27 -18.66 12.28
C ASP A 115 -7.96 -19.39 12.02
N ALA A 116 -6.89 -18.61 12.16
CA ALA A 116 -5.54 -19.13 11.99
C ALA A 116 -4.61 -18.43 12.97
N ALA A 117 -3.85 -19.23 13.71
CA ALA A 117 -2.87 -18.70 14.63
C ALA A 117 -1.68 -18.15 13.85
N PRO A 118 -1.05 -17.12 14.36
CA PRO A 118 0.13 -16.57 13.68
C PRO A 118 1.33 -17.49 13.82
N THR A 119 2.18 -17.39 12.82
CA THR A 119 3.51 -17.97 12.86
C THR A 119 4.45 -16.87 13.37
N VAL A 120 5.10 -17.10 14.50
CA VAL A 120 5.88 -16.07 15.16
C VAL A 120 7.36 -16.34 15.09
N SER A 121 8.08 -15.29 14.72
CA SER A 121 9.53 -15.43 14.53
C SER A 121 10.24 -14.23 15.09
N ILE A 122 11.30 -14.37 15.86
CA ILE A 122 12.02 -13.28 16.48
C ILE A 122 13.46 -13.26 15.96
N PHE A 123 13.99 -12.02 15.80
CA PHE A 123 15.29 -11.89 15.17
C PHE A 123 16.13 -10.93 15.99
N PRO A 124 17.32 -11.30 16.39
CA PRO A 124 18.24 -10.37 17.04
C PRO A 124 18.74 -9.26 16.10
N PRO A 125 19.33 -8.18 16.66
CA PRO A 125 20.03 -7.19 15.85
C PRO A 125 21.14 -7.88 15.05
N SER A 126 21.35 -7.43 13.85
CA SER A 126 22.45 -7.86 13.00
C SER A 126 23.78 -7.35 13.57
N SER A 127 24.85 -8.09 13.29
CA SER A 127 26.14 -7.55 13.67
C SER A 127 26.42 -6.20 13.00
N GLU A 128 25.97 -6.02 11.76
CA GLU A 128 26.18 -4.76 11.07
C GLU A 128 25.52 -3.63 11.84
N GLN A 129 24.24 -3.87 12.26
CA GLN A 129 23.60 -2.77 12.99
C GLN A 129 24.29 -2.50 14.31
N LEU A 130 24.76 -3.55 14.99
CA LEU A 130 25.43 -3.34 16.28
C LEU A 130 26.72 -2.56 16.15
N THR A 131 27.29 -2.41 14.95
CA THR A 131 28.47 -1.58 14.81
C THR A 131 28.10 -0.09 14.76
N SER A 132 26.84 0.18 14.50
CA SER A 132 26.17 1.45 14.43
C SER A 132 25.80 2.07 15.75
N GLY A 133 25.80 1.39 16.91
CA GLY A 133 25.20 2.24 17.97
C GLY A 133 23.72 2.05 18.20
N GLY A 134 22.99 1.49 17.24
CA GLY A 134 21.59 1.14 17.50
C GLY A 134 21.40 -0.37 17.45
N ALA A 135 20.25 -0.81 17.95
CA ALA A 135 19.95 -2.22 17.98
C ALA A 135 18.43 -2.47 17.86
N SER A 136 18.01 -3.08 16.79
CA SER A 136 16.60 -3.35 16.59
C SER A 136 16.37 -4.86 16.73
N VAL A 137 15.35 -5.22 17.49
CA VAL A 137 14.87 -6.60 17.59
C VAL A 137 13.56 -6.73 16.84
N VAL A 138 13.42 -7.68 15.92
CA VAL A 138 12.24 -7.72 15.08
C VAL A 138 11.49 -9.02 15.39
N CYS A 139 10.17 -8.87 15.43
CA CYS A 139 9.30 -10.04 15.53
C CYS A 139 8.29 -10.05 14.39
N PHE A 140 8.14 -11.14 13.69
CA PHE A 140 7.09 -11.24 12.69
C PHE A 140 5.99 -12.16 13.23
N LEU A 141 4.75 -11.76 13.06
CA LEU A 141 3.55 -12.51 13.42
C LEU A 141 2.80 -12.71 12.10
N ASN A 142 2.98 -13.88 11.46
CA ASN A 142 2.55 -13.97 10.07
C ASN A 142 1.36 -14.91 9.84
N ASN A 143 0.51 -14.58 8.90
CA ASN A 143 -0.52 -15.41 8.31
C ASN A 143 -1.53 -15.84 9.35
N PHE A 144 -2.11 -14.84 10.03
CA PHE A 144 -3.13 -15.14 11.02
C PHE A 144 -4.47 -14.56 10.61
N TYR A 145 -5.52 -15.03 11.26
CA TYR A 145 -6.88 -14.53 11.03
C TYR A 145 -7.67 -14.84 12.31
N PRO A 146 -8.53 -13.97 12.80
CA PRO A 146 -8.79 -12.64 12.25
C PRO A 146 -7.72 -11.61 12.58
N LYS A 147 -7.95 -10.36 12.18
CA LYS A 147 -6.86 -9.38 12.11
C LYS A 147 -6.42 -8.83 13.46
N ASP A 148 -7.28 -8.89 14.46
CA ASP A 148 -6.84 -8.39 15.76
C ASP A 148 -5.82 -9.32 16.43
N ILE A 149 -4.74 -8.70 16.90
CA ILE A 149 -3.67 -9.33 17.61
C ILE A 149 -2.93 -8.36 18.51
N ASN A 150 -2.27 -8.94 19.51
CA ASN A 150 -1.49 -8.15 20.44
C ASN A 150 -0.08 -8.73 20.51
N VAL A 151 0.88 -7.81 20.58
CA VAL A 151 2.24 -8.28 20.84
C VAL A 151 2.76 -7.57 22.09
N LYS A 152 3.49 -8.30 22.91
CA LYS A 152 4.17 -7.79 24.11
C LYS A 152 5.65 -8.11 24.03
N TRP A 153 6.53 -7.17 24.31
CA TRP A 153 7.96 -7.42 24.39
C TRP A 153 8.43 -7.55 25.83
N LYS A 154 9.41 -8.40 26.09
CA LYS A 154 10.03 -8.52 27.41
C LYS A 154 11.54 -8.51 27.28
N ILE A 155 12.21 -7.77 28.17
CA ILE A 155 13.65 -7.78 28.19
C ILE A 155 14.02 -8.35 29.55
N ASP A 156 14.75 -9.45 29.55
CA ASP A 156 15.08 -10.13 30.80
C ASP A 156 13.80 -10.33 31.60
N GLY A 157 12.72 -10.71 30.94
CA GLY A 157 11.46 -11.09 31.58
C GLY A 157 10.58 -9.95 32.05
N SER A 158 11.02 -8.71 31.84
CA SER A 158 10.24 -7.54 32.21
C SER A 158 9.68 -6.89 30.94
N GLU A 159 8.42 -6.53 31.03
CA GLU A 159 7.73 -5.91 29.90
C GLU A 159 8.36 -4.57 29.53
N ARG A 160 8.49 -4.33 28.21
CA ARG A 160 9.08 -3.11 27.66
C ARG A 160 8.09 -2.46 26.70
N GLN A 161 7.66 -1.26 27.00
CA GLN A 161 6.75 -0.53 26.12
C GLN A 161 7.38 0.55 25.25
N ASN A 162 8.34 1.32 25.73
CA ASN A 162 9.04 2.32 24.92
C ASN A 162 9.82 1.69 23.77
N GLY A 163 9.83 2.34 22.60
CA GLY A 163 10.67 1.90 21.52
C GLY A 163 10.10 0.84 20.62
N VAL A 164 8.81 0.54 20.74
CA VAL A 164 8.15 -0.47 19.88
C VAL A 164 7.36 0.25 18.79
N LEU A 165 7.59 -0.13 17.55
CA LEU A 165 6.85 0.27 16.37
C LEU A 165 6.34 -0.95 15.60
N ASN A 166 5.03 -0.95 15.33
CA ASN A 166 4.33 -2.03 14.67
C ASN A 166 3.88 -1.61 13.26
N SER A 167 3.78 -2.61 12.40
CA SER A 167 3.24 -2.40 11.04
C SER A 167 2.45 -3.64 10.66
N TRP A 168 1.34 -3.46 9.99
CA TRP A 168 0.41 -4.50 9.62
C TRP A 168 0.20 -4.54 8.11
N THR A 169 0.18 -5.73 7.52
CA THR A 169 -0.16 -5.80 6.11
C THR A 169 -1.67 -5.68 5.92
N ASP A 170 -2.04 -5.41 4.67
CA ASP A 170 -3.41 -5.56 4.24
C ASP A 170 -3.72 -7.06 4.13
N GLN A 171 -4.97 -7.46 4.05
CA GLN A 171 -5.32 -8.86 3.85
C GLN A 171 -4.71 -9.40 2.59
N ASP A 172 -4.17 -10.61 2.69
CA ASP A 172 -3.55 -11.27 1.54
C ASP A 172 -4.58 -12.04 0.72
N SER A 173 -4.72 -11.80 -0.58
CA SER A 173 -5.73 -12.58 -1.31
C SER A 173 -5.29 -14.03 -1.52
N LYS A 174 -4.05 -14.36 -1.26
CA LYS A 174 -3.58 -15.71 -1.54
C LYS A 174 -4.20 -16.64 -0.50
N ASP A 175 -4.42 -16.21 0.72
CA ASP A 175 -4.91 -17.11 1.76
C ASP A 175 -5.81 -16.36 2.73
N SER A 176 -6.11 -15.09 2.46
CA SER A 176 -7.06 -14.29 3.23
C SER A 176 -6.61 -14.02 4.66
N THR A 177 -5.29 -14.07 4.87
CA THR A 177 -4.73 -13.82 6.19
C THR A 177 -4.10 -12.43 6.27
N TYR A 178 -3.70 -12.11 7.49
CA TYR A 178 -3.04 -10.87 7.85
C TYR A 178 -1.67 -11.20 8.43
N SER A 179 -0.77 -10.23 8.38
CA SER A 179 0.52 -10.38 9.07
C SER A 179 0.88 -9.06 9.73
N MET A 180 1.80 -9.11 10.70
CA MET A 180 2.21 -7.93 11.47
C MET A 180 3.69 -7.99 11.76
N SER A 181 4.38 -6.86 11.77
CA SER A 181 5.79 -6.82 12.15
C SER A 181 5.88 -5.93 13.36
N SER A 182 6.65 -6.37 14.37
CA SER A 182 6.87 -5.51 15.54
C SER A 182 8.37 -5.31 15.71
N THR A 183 8.83 -4.08 15.85
CA THR A 183 10.27 -3.84 16.03
C THR A 183 10.54 -3.11 17.34
N LEU A 184 11.42 -3.61 18.15
CA LEU A 184 11.83 -2.98 19.40
C LEU A 184 13.20 -2.37 19.14
N THR A 185 13.32 -1.04 19.26
CA THR A 185 14.60 -0.43 18.94
C THR A 185 15.19 0.13 20.24
N LEU A 186 16.42 -0.29 20.51
CA LEU A 186 17.18 0.12 21.68
C LEU A 186 18.50 0.72 21.26
N THR A 187 19.21 1.37 22.19
CA THR A 187 20.59 1.71 21.82
C THR A 187 21.43 0.46 21.84
N LYS A 188 22.54 0.48 21.09
CA LYS A 188 23.40 -0.71 21.19
C LYS A 188 23.82 -0.97 22.62
N ASP A 189 24.10 0.10 23.36
CA ASP A 189 24.61 -0.12 24.72
C ASP A 189 23.55 -0.78 25.58
N GLU A 190 22.27 -0.38 25.41
CA GLU A 190 21.31 -1.06 26.29
C GLU A 190 21.04 -2.46 25.79
N TYR A 191 21.05 -2.71 24.49
CA TYR A 191 20.94 -4.09 24.03
C TYR A 191 22.06 -4.94 24.60
N GLU A 192 23.30 -4.44 24.57
CA GLU A 192 24.43 -5.28 25.03
C GLU A 192 24.41 -5.48 26.55
N ARG A 193 23.64 -4.66 27.26
CA ARG A 193 23.53 -4.76 28.70
C ARG A 193 22.66 -5.91 29.14
N HIS A 194 21.63 -6.20 28.36
CA HIS A 194 20.63 -7.20 28.75
C HIS A 194 20.80 -8.54 28.06
N ASN A 195 20.16 -9.61 28.52
CA ASN A 195 20.46 -10.93 27.96
C ASN A 195 19.36 -11.60 27.18
N SER A 196 18.13 -11.59 27.71
CA SER A 196 17.12 -12.33 26.93
C SER A 196 16.02 -11.38 26.45
N TYR A 197 15.57 -11.71 25.26
CA TYR A 197 14.60 -10.90 24.51
C TYR A 197 13.44 -11.79 24.09
N THR A 198 12.21 -11.35 24.35
CA THR A 198 11.03 -12.16 24.11
C THR A 198 9.94 -11.35 23.43
N CYS A 199 9.32 -11.98 22.44
CA CYS A 199 8.11 -11.46 21.79
C CYS A 199 7.00 -12.43 22.15
N GLU A 200 5.88 -11.91 22.68
CA GLU A 200 4.70 -12.69 22.96
C GLU A 200 3.51 -12.20 22.12
N ALA A 201 2.94 -13.15 21.39
CA ALA A 201 1.77 -12.84 20.56
C ALA A 201 0.50 -13.35 21.23
N THR A 202 -0.51 -12.48 21.39
CA THR A 202 -1.77 -13.04 21.90
C THR A 202 -2.84 -12.85 20.83
N HIS A 203 -3.52 -13.93 20.49
CA HIS A 203 -4.43 -14.01 19.37
C HIS A 203 -5.65 -14.83 19.78
N LYS A 204 -6.82 -14.50 19.22
CA LYS A 204 -8.03 -15.20 19.69
C LYS A 204 -8.00 -16.69 19.48
N THR A 205 -7.13 -17.18 18.61
CA THR A 205 -6.94 -18.61 18.47
C THR A 205 -6.43 -19.28 19.74
N SER A 206 -5.81 -18.60 20.70
CA SER A 206 -5.43 -19.32 21.93
C SER A 206 -5.39 -18.36 23.12
N THR A 207 -5.66 -18.90 24.32
CA THR A 207 -5.62 -18.26 25.62
C THR A 207 -4.18 -18.02 26.04
N SER A 208 -3.35 -18.91 25.49
CA SER A 208 -1.96 -18.78 25.89
C SER A 208 -1.20 -18.09 24.77
N PRO A 209 -0.37 -17.11 25.10
CA PRO A 209 0.34 -16.39 24.05
C PRO A 209 1.34 -17.34 23.40
N ILE A 210 1.70 -16.96 22.18
CA ILE A 210 2.82 -17.61 21.49
C ILE A 210 4.08 -16.80 21.80
N VAL A 211 5.04 -17.44 22.44
CA VAL A 211 6.24 -16.84 22.99
C VAL A 211 7.46 -17.25 22.20
N LYS A 212 8.16 -16.29 21.62
CA LYS A 212 9.46 -16.57 21.03
C LYS A 212 10.53 -15.72 21.71
N SER A 213 11.68 -16.36 22.02
CA SER A 213 12.72 -15.63 22.73
C SER A 213 14.08 -16.01 22.17
N PHE A 214 15.05 -15.21 22.53
CA PHE A 214 16.46 -15.59 22.36
C PHE A 214 17.28 -14.94 23.47
N ASN A 215 18.49 -15.52 23.61
CA ASN A 215 19.50 -14.93 24.45
C ASN A 215 20.57 -14.26 23.61
N ARG A 216 20.95 -13.05 23.93
CA ARG A 216 21.96 -12.32 23.18
C ARG A 216 23.25 -13.11 23.21
N ASN A 217 24.00 -13.16 22.13
CA ASN A 217 25.26 -13.98 22.29
C ASN A 217 25.08 -15.50 22.47
N GLU A 218 23.89 -16.05 22.24
CA GLU A 218 23.71 -17.45 21.88
C GLU A 218 23.24 -17.54 20.44
N CYS A 219 23.65 -18.58 19.71
CA CYS A 219 23.10 -18.69 18.36
C CYS A 219 21.57 -18.86 18.35
N ARG B 1 -3.94 -1.89 -24.14
CA ARG B 1 -4.69 -0.75 -24.62
C ARG B 1 -3.93 0.51 -24.25
N VAL B 2 -4.72 1.46 -23.80
CA VAL B 2 -4.03 2.66 -23.31
C VAL B 2 -3.37 2.40 -21.97
N GLN B 3 -2.14 2.92 -21.82
CA GLN B 3 -1.39 2.81 -20.60
C GLN B 3 -0.85 4.18 -20.23
N LEU B 4 -0.88 4.45 -18.94
CA LEU B 4 -0.41 5.73 -18.41
C LEU B 4 0.69 5.48 -17.38
N GLN B 5 1.64 6.42 -17.30
CA GLN B 5 2.69 6.26 -16.31
C GLN B 5 3.10 7.63 -15.80
N GLN B 6 3.00 7.89 -14.51
CA GLN B 6 3.42 9.11 -13.88
C GLN B 6 4.93 9.13 -13.67
N SER B 7 5.53 10.32 -13.78
CA SER B 7 6.92 10.53 -13.35
C SER B 7 7.06 11.94 -12.80
N GLY B 8 8.09 12.12 -11.98
CA GLY B 8 8.39 13.44 -11.47
C GLY B 8 8.94 13.41 -10.06
N PRO B 9 9.51 14.53 -9.62
CA PRO B 9 10.15 14.53 -8.29
C PRO B 9 9.24 14.10 -7.15
N GLY B 10 9.73 13.20 -6.32
CA GLY B 10 9.06 12.53 -5.22
C GLY B 10 9.11 13.31 -3.93
N LEU B 11 9.94 14.35 -3.86
CA LEU B 11 10.14 15.14 -2.66
C LEU B 11 10.18 16.60 -3.07
N VAL B 12 9.32 17.41 -2.48
CA VAL B 12 9.18 18.82 -2.79
C VAL B 12 9.22 19.61 -1.50
N LYS B 13 9.96 20.73 -1.53
CA LYS B 13 10.00 21.55 -0.30
C LYS B 13 8.74 22.37 -0.15
N PRO B 14 8.27 22.63 1.07
CA PRO B 14 7.13 23.51 1.27
C PRO B 14 7.36 24.86 0.62
N SER B 15 6.26 25.39 0.09
CA SER B 15 6.13 26.64 -0.61
C SER B 15 6.64 26.55 -2.06
N GLN B 16 7.19 25.40 -2.49
CA GLN B 16 7.55 25.30 -3.91
C GLN B 16 6.44 24.59 -4.67
N SER B 17 6.79 23.97 -5.78
CA SER B 17 5.79 23.37 -6.66
C SER B 17 6.11 21.89 -6.92
N LEU B 18 5.04 21.13 -7.00
CA LEU B 18 5.16 19.78 -7.55
C LEU B 18 4.92 19.86 -9.05
N SER B 19 5.71 19.08 -9.80
CA SER B 19 5.54 19.03 -11.23
C SER B 19 5.57 17.58 -11.63
N LEU B 20 4.48 17.09 -12.22
CA LEU B 20 4.45 15.68 -12.63
C LEU B 20 4.14 15.56 -14.13
N THR B 21 4.55 14.45 -14.67
CA THR B 21 4.32 14.11 -16.06
C THR B 21 3.57 12.79 -16.13
N CYS B 22 2.60 12.74 -17.05
CA CYS B 22 2.00 11.46 -17.40
C CYS B 22 2.31 11.15 -18.86
N THR B 23 2.94 10.00 -19.09
CA THR B 23 3.26 9.57 -20.44
C THR B 23 2.23 8.51 -20.84
N VAL B 24 1.54 8.77 -21.93
CA VAL B 24 0.48 7.91 -22.45
C VAL B 24 1.03 7.10 -23.64
N THR B 25 0.81 5.81 -23.52
CA THR B 25 1.14 4.91 -24.65
C THR B 25 -0.11 4.17 -25.08
N GLY B 26 -0.20 3.82 -26.36
CA GLY B 26 -1.30 2.95 -26.81
C GLY B 26 -2.48 3.76 -27.28
N TYR B 27 -2.35 5.08 -27.24
CA TYR B 27 -3.46 5.92 -27.60
C TYR B 27 -2.94 7.33 -27.79
N SER B 28 -3.48 8.11 -28.70
CA SER B 28 -3.10 9.51 -28.81
C SER B 28 -3.85 10.37 -27.82
N ILE B 29 -3.16 11.31 -27.18
CA ILE B 29 -3.81 12.15 -26.19
C ILE B 29 -4.74 13.16 -26.85
N THR B 30 -4.70 13.27 -28.17
CA THR B 30 -5.58 14.20 -28.88
C THR B 30 -6.89 13.53 -29.29
N SER B 31 -7.14 12.27 -28.87
CA SER B 31 -8.39 11.57 -29.17
C SER B 31 -9.16 11.11 -27.94
N ASP B 32 -10.45 11.33 -27.91
CA ASP B 32 -11.50 10.69 -27.15
C ASP B 32 -11.49 10.87 -25.63
N PHE B 33 -10.36 11.05 -24.97
CA PHE B 33 -10.33 11.01 -23.53
C PHE B 33 -10.27 12.38 -22.84
N ALA B 34 -10.69 12.34 -21.58
CA ALA B 34 -10.27 13.34 -20.60
C ALA B 34 -9.08 12.77 -19.82
N TRP B 35 -8.02 13.56 -19.68
CA TRP B 35 -6.80 13.13 -18.99
C TRP B 35 -6.79 13.82 -17.65
N ASN B 36 -7.02 13.02 -16.58
CA ASN B 36 -7.25 13.54 -15.25
C ASN B 36 -6.02 13.38 -14.35
N TRP B 37 -5.94 14.23 -13.34
CA TRP B 37 -5.10 14.08 -12.17
C TRP B 37 -6.02 13.91 -10.95
N ILE B 38 -5.66 12.86 -10.21
CA ILE B 38 -6.40 12.50 -9.00
C ILE B 38 -5.41 12.24 -7.89
N ARG B 39 -5.68 12.63 -6.66
CA ARG B 39 -4.69 12.25 -5.63
C ARG B 39 -5.40 11.54 -4.51
N GLN B 40 -4.61 10.78 -3.75
CA GLN B 40 -5.12 10.00 -2.66
C GLN B 40 -4.33 10.28 -1.38
N PHE B 41 -5.05 10.60 -0.35
CA PHE B 41 -4.60 10.81 1.03
C PHE B 41 -4.91 9.57 1.87
N PRO B 42 -4.32 9.41 3.05
CA PRO B 42 -4.61 8.32 3.96
C PRO B 42 -6.10 8.23 4.31
N GLY B 43 -6.58 6.99 4.53
CA GLY B 43 -7.98 6.89 4.88
C GLY B 43 -8.93 6.74 3.71
N ASN B 44 -8.38 6.24 2.60
CA ASN B 44 -9.24 6.00 1.43
C ASN B 44 -9.76 7.33 0.94
N LYS B 45 -8.95 8.40 0.97
CA LYS B 45 -9.59 9.63 0.48
C LYS B 45 -9.03 10.07 -0.88
N LEU B 46 -9.90 9.99 -1.86
CA LEU B 46 -9.55 10.38 -3.24
C LEU B 46 -10.10 11.77 -3.60
N GLU B 47 -9.31 12.58 -4.24
CA GLU B 47 -9.71 13.93 -4.63
C GLU B 47 -9.43 14.09 -6.12
N TRP B 48 -10.47 14.40 -6.88
CA TRP B 48 -10.30 14.76 -8.28
C TRP B 48 -9.62 16.12 -8.36
N MET B 49 -8.50 16.23 -9.07
CA MET B 49 -7.87 17.57 -9.15
C MET B 49 -8.25 18.32 -10.41
N GLY B 50 -8.31 17.65 -11.58
CA GLY B 50 -8.67 18.37 -12.80
C GLY B 50 -8.39 17.51 -14.01
N TYR B 51 -8.70 17.99 -15.21
CA TYR B 51 -8.39 17.26 -16.42
C TYR B 51 -7.86 18.24 -17.47
N ILE B 52 -7.24 17.67 -18.50
CA ILE B 52 -7.16 18.31 -19.81
C ILE B 52 -7.72 17.32 -20.79
N ASN B 53 -8.60 17.76 -21.68
CA ASN B 53 -9.20 16.71 -22.54
C ASN B 53 -8.50 16.64 -23.88
N TYR B 54 -9.05 15.83 -24.76
CA TYR B 54 -8.37 15.55 -26.02
C TYR B 54 -8.22 16.75 -26.91
N SER B 55 -9.08 17.78 -26.66
CA SER B 55 -8.97 18.97 -27.50
C SER B 55 -8.20 20.07 -26.76
N GLY B 56 -7.63 19.80 -25.59
CA GLY B 56 -6.84 20.81 -24.90
C GLY B 56 -7.64 21.65 -23.91
N PHE B 57 -8.93 21.44 -23.75
CA PHE B 57 -9.78 22.11 -22.77
C PHE B 57 -9.52 21.58 -21.37
N THR B 58 -9.55 22.44 -20.36
CA THR B 58 -9.21 21.99 -19.01
C THR B 58 -10.31 22.32 -18.03
N SER B 59 -10.19 21.67 -16.86
CA SER B 59 -11.13 21.95 -15.76
C SER B 59 -10.44 21.57 -14.46
N HIS B 60 -10.63 22.30 -13.37
CA HIS B 60 -9.94 21.84 -12.17
C HIS B 60 -10.84 22.09 -10.96
N ASN B 61 -10.53 21.36 -9.91
CA ASN B 61 -11.30 21.46 -8.69
C ASN B 61 -11.15 22.84 -8.04
N PRO B 62 -12.22 23.53 -7.68
CA PRO B 62 -12.10 24.77 -6.90
C PRO B 62 -11.33 24.61 -5.61
N SER B 63 -11.27 23.44 -5.01
CA SER B 63 -10.48 23.20 -3.80
C SER B 63 -9.02 23.64 -4.00
N LEU B 64 -8.52 23.67 -5.23
CA LEU B 64 -7.10 23.93 -5.52
C LEU B 64 -6.90 25.40 -5.87
N LYS B 65 -7.92 26.23 -5.68
CA LYS B 65 -7.83 27.68 -5.57
C LYS B 65 -6.57 28.34 -6.15
N SER B 66 -6.46 28.41 -7.46
CA SER B 66 -5.54 28.99 -8.43
C SER B 66 -4.13 28.40 -8.34
N ARG B 67 -3.92 27.30 -7.67
CA ARG B 67 -2.58 26.68 -7.54
C ARG B 67 -2.25 25.67 -8.62
N ILE B 68 -3.24 25.24 -9.38
CA ILE B 68 -3.02 24.13 -10.30
C ILE B 68 -3.00 24.54 -11.76
N SER B 69 -2.09 23.92 -12.49
CA SER B 69 -2.05 24.05 -13.93
C SER B 69 -1.97 22.67 -14.56
N ILE B 70 -2.86 22.40 -15.52
CA ILE B 70 -2.79 21.13 -16.25
C ILE B 70 -2.53 21.47 -17.71
N THR B 71 -1.49 20.90 -18.27
CA THR B 71 -1.08 21.20 -19.63
C THR B 71 -0.74 19.95 -20.41
N ARG B 72 -0.36 20.08 -21.68
CA ARG B 72 0.02 18.88 -22.43
C ARG B 72 1.10 19.24 -23.45
N ASP B 73 1.71 18.19 -23.98
CA ASP B 73 2.65 18.31 -25.11
C ASP B 73 2.29 17.19 -26.09
N THR B 74 1.59 17.59 -27.16
CA THR B 74 1.08 16.55 -28.06
C THR B 74 2.22 15.86 -28.80
N SER B 75 3.33 16.56 -29.04
CA SER B 75 4.44 15.88 -29.74
C SER B 75 5.04 14.76 -28.93
N LYS B 76 4.90 14.82 -27.64
CA LYS B 76 5.44 13.84 -26.71
C LYS B 76 4.36 12.89 -26.23
N ASN B 77 3.10 13.16 -26.59
CA ASN B 77 1.98 12.37 -26.04
C ASN B 77 2.00 12.32 -24.53
N GLN B 78 2.20 13.49 -23.94
CA GLN B 78 2.25 13.62 -22.49
C GLN B 78 1.31 14.70 -22.01
N PHE B 79 0.85 14.56 -20.77
CA PHE B 79 0.18 15.68 -20.09
C PHE B 79 0.81 15.83 -18.71
N PHE B 80 0.53 16.99 -18.11
CA PHE B 80 1.33 17.46 -16.99
C PHE B 80 0.47 18.09 -15.90
N LEU B 81 1.00 18.00 -14.68
CA LEU B 81 0.43 18.67 -13.52
C LEU B 81 1.46 19.61 -12.91
N GLN B 82 1.07 20.82 -12.59
CA GLN B 82 1.89 21.69 -11.72
C GLN B 82 0.97 22.11 -10.57
N LEU B 83 1.43 21.99 -9.35
CA LEU B 83 0.68 22.44 -8.19
C LEU B 83 1.62 23.35 -7.39
N ASN B 84 1.26 24.64 -7.25
CA ASN B 84 2.25 25.50 -6.56
C ASN B 84 1.90 25.67 -5.09
N SER B 85 2.73 26.44 -4.39
CA SER B 85 2.47 26.81 -3.00
C SER B 85 2.17 25.58 -2.14
N VAL B 86 2.98 24.53 -2.35
CA VAL B 86 2.56 23.29 -1.63
C VAL B 86 2.84 23.40 -0.13
N THR B 87 2.08 22.60 0.62
CA THR B 87 2.30 22.45 2.04
C THR B 87 2.28 20.96 2.33
N THR B 88 2.55 20.64 3.60
CA THR B 88 2.53 19.22 4.00
C THR B 88 1.16 18.62 3.73
N GLU B 89 0.09 19.39 3.68
CA GLU B 89 -1.22 18.83 3.34
C GLU B 89 -1.30 18.35 1.89
N ASP B 90 -0.37 18.66 1.01
CA ASP B 90 -0.37 18.13 -0.36
C ASP B 90 0.41 16.83 -0.51
N THR B 91 0.96 16.33 0.58
CA THR B 91 1.56 15.00 0.57
C THR B 91 0.51 13.96 0.22
N ALA B 92 0.73 13.19 -0.83
CA ALA B 92 -0.33 12.32 -1.31
C ALA B 92 0.26 11.43 -2.39
N THR B 93 -0.53 10.40 -2.74
CA THR B 93 -0.18 9.65 -3.94
C THR B 93 -0.94 10.29 -5.10
N TYR B 94 -0.19 10.66 -6.14
CA TYR B 94 -0.76 11.32 -7.31
C TYR B 94 -0.91 10.36 -8.46
N TYR B 95 -2.11 10.28 -9.01
CA TYR B 95 -2.39 9.42 -10.17
C TYR B 95 -2.79 10.21 -11.39
N CYS B 96 -2.37 9.76 -12.56
CA CYS B 96 -2.99 10.19 -13.82
C CYS B 96 -4.04 9.15 -14.17
N ALA B 97 -5.12 9.60 -14.85
CA ALA B 97 -6.18 8.67 -15.19
C ALA B 97 -6.93 9.17 -16.39
N GLY B 98 -7.05 8.34 -17.41
CA GLY B 98 -7.89 8.78 -18.55
C GLY B 98 -9.24 8.09 -18.46
N LEU B 99 -10.27 8.88 -18.74
CA LEU B 99 -11.63 8.36 -18.84
C LEU B 99 -12.20 8.87 -20.14
N LEU B 100 -13.03 8.05 -20.79
CA LEU B 100 -13.55 8.58 -22.07
C LEU B 100 -14.47 9.77 -21.83
N TRP B 101 -14.31 10.76 -22.71
CA TRP B 101 -15.14 11.97 -22.63
C TRP B 101 -16.61 11.67 -22.83
N TYR B 102 -16.93 10.70 -23.69
CA TYR B 102 -18.32 10.46 -24.07
C TYR B 102 -19.10 9.87 -22.92
N ASP B 103 -18.47 9.02 -22.12
CA ASP B 103 -19.33 8.24 -21.20
C ASP B 103 -18.61 7.90 -19.89
N GLY B 104 -17.41 8.40 -19.65
CA GLY B 104 -16.69 8.07 -18.43
C GLY B 104 -16.19 6.65 -18.42
N GLY B 105 -16.16 5.98 -19.58
CA GLY B 105 -15.69 4.61 -19.67
C GLY B 105 -14.19 4.42 -19.87
N ALA B 106 -13.75 3.16 -19.79
CA ALA B 106 -12.40 2.72 -20.06
C ALA B 106 -11.37 3.39 -19.14
N GLY B 107 -11.83 3.72 -17.93
CA GLY B 107 -10.89 4.32 -17.00
C GLY B 107 -9.55 3.58 -16.88
N SER B 108 -8.45 4.33 -17.03
CA SER B 108 -7.12 3.72 -17.05
C SER B 108 -6.23 4.59 -16.19
N TRP B 109 -5.69 4.09 -15.11
CA TRP B 109 -4.91 4.89 -14.18
C TRP B 109 -3.44 4.49 -14.28
N GLY B 110 -2.53 5.44 -13.99
CA GLY B 110 -1.14 5.10 -13.84
C GLY B 110 -0.93 4.36 -12.52
N GLN B 111 0.34 4.07 -12.29
CA GLN B 111 0.70 3.33 -11.09
C GLN B 111 0.68 4.18 -9.83
N GLY B 112 0.65 5.49 -10.02
CA GLY B 112 0.72 6.40 -8.89
C GLY B 112 2.15 6.74 -8.52
N THR B 113 2.29 7.99 -8.12
CA THR B 113 3.61 8.41 -7.66
C THR B 113 3.41 9.12 -6.31
N LEU B 114 4.17 8.69 -5.32
CA LEU B 114 4.09 9.39 -4.04
C LEU B 114 4.81 10.72 -4.16
N VAL B 115 4.20 11.81 -3.71
CA VAL B 115 4.90 13.08 -3.56
C VAL B 115 4.87 13.45 -2.08
N THR B 116 6.05 13.60 -1.49
CA THR B 116 6.17 14.01 -0.12
C THR B 116 6.51 15.50 -0.08
N VAL B 117 5.78 16.30 0.65
CA VAL B 117 6.12 17.73 0.81
C VAL B 117 6.76 17.89 2.19
N SER B 118 8.05 18.17 2.20
CA SER B 118 8.85 18.14 3.44
C SER B 118 10.19 18.84 3.20
N ALA B 119 10.68 19.46 4.27
CA ALA B 119 11.99 20.05 4.23
C ALA B 119 13.05 19.05 4.70
N ALA B 120 12.63 17.83 5.07
CA ALA B 120 13.61 16.89 5.63
C ALA B 120 14.57 16.39 4.55
N LYS B 121 15.78 15.99 4.96
CA LYS B 121 16.76 15.55 4.00
C LYS B 121 16.62 14.10 3.52
N THR B 122 16.94 14.00 2.21
CA THR B 122 17.07 12.67 1.61
C THR B 122 18.20 11.94 2.33
N THR B 123 17.92 10.70 2.71
CA THR B 123 18.82 9.85 3.46
C THR B 123 18.76 8.41 2.94
N ALA B 124 19.89 7.82 2.63
CA ALA B 124 19.90 6.43 2.17
C ALA B 124 19.71 5.45 3.32
N PRO B 125 19.07 4.30 3.10
CA PRO B 125 18.88 3.35 4.15
C PRO B 125 20.13 2.53 4.43
N SER B 126 20.14 2.02 5.65
CA SER B 126 20.97 0.89 6.03
C SER B 126 20.12 -0.38 5.89
N VAL B 127 20.64 -1.46 5.31
CA VAL B 127 19.87 -2.69 5.13
C VAL B 127 20.53 -3.76 5.98
N TYR B 128 19.79 -4.29 6.92
CA TYR B 128 20.34 -5.24 7.86
C TYR B 128 19.67 -6.60 7.68
N PRO B 129 20.46 -7.63 7.69
CA PRO B 129 19.93 -8.98 7.50
C PRO B 129 19.31 -9.48 8.79
N LEU B 130 18.19 -10.18 8.68
CA LEU B 130 17.55 -10.80 9.83
C LEU B 130 17.71 -12.32 9.69
N ALA B 131 18.71 -12.84 10.38
CA ALA B 131 18.98 -14.29 10.34
C ALA B 131 18.30 -14.93 11.53
N PRO B 132 17.70 -16.09 11.29
CA PRO B 132 16.93 -16.73 12.35
C PRO B 132 17.82 -17.24 13.47
N VAL B 133 17.20 -17.28 14.65
CA VAL B 133 17.98 -17.89 15.74
C VAL B 133 18.06 -19.39 15.50
N CYS B 134 19.13 -20.05 15.95
CA CYS B 134 19.42 -21.44 15.70
C CYS B 134 18.27 -22.37 16.09
N GLY B 135 17.66 -22.10 17.26
CA GLY B 135 16.55 -22.82 17.82
C GLY B 135 15.32 -22.79 16.93
N ASP B 136 15.22 -21.83 16.04
CA ASP B 136 14.09 -21.66 15.14
C ASP B 136 14.35 -22.21 13.74
N THR B 137 15.41 -22.98 13.50
CA THR B 137 15.77 -23.49 12.18
C THR B 137 15.54 -25.00 12.09
N THR B 138 15.03 -25.65 13.14
CA THR B 138 14.97 -27.11 13.16
C THR B 138 13.61 -27.63 12.75
N GLY B 139 12.71 -26.73 12.37
CA GLY B 139 11.40 -27.22 11.92
C GLY B 139 11.32 -27.36 10.43
N SER B 140 10.10 -27.56 9.90
CA SER B 140 10.06 -27.82 8.46
C SER B 140 10.15 -26.55 7.62
N SER B 141 9.72 -25.38 8.09
CA SER B 141 9.96 -24.12 7.38
C SER B 141 10.87 -23.23 8.21
N VAL B 142 11.47 -22.24 7.55
CA VAL B 142 12.26 -21.26 8.30
C VAL B 142 11.95 -19.87 7.78
N THR B 143 11.99 -18.90 8.68
CA THR B 143 11.69 -17.52 8.26
C THR B 143 12.94 -16.67 8.43
N LEU B 144 13.22 -15.85 7.43
CA LEU B 144 14.33 -14.91 7.37
C LEU B 144 13.73 -13.54 7.13
N GLY B 145 14.56 -12.49 7.27
CA GLY B 145 14.02 -11.17 7.01
C GLY B 145 15.12 -10.19 6.64
N CYS B 146 14.62 -8.99 6.38
CA CYS B 146 15.51 -7.87 6.13
C CYS B 146 14.94 -6.63 6.74
N LEU B 147 15.76 -5.78 7.34
CA LEU B 147 15.33 -4.54 8.00
C LEU B 147 15.96 -3.39 7.24
N VAL B 148 15.11 -2.51 6.71
CA VAL B 148 15.58 -1.38 5.88
C VAL B 148 15.35 -0.17 6.74
N LYS B 149 16.42 0.41 7.31
CA LYS B 149 16.23 1.40 8.38
C LYS B 149 16.84 2.73 8.01
N GLY B 150 16.19 3.83 8.34
CA GLY B 150 16.82 5.14 8.32
C GLY B 150 16.87 5.85 6.98
N TYR B 151 15.81 5.70 6.18
CA TYR B 151 15.79 6.35 4.87
C TYR B 151 14.70 7.41 4.77
N PHE B 152 14.90 8.29 3.79
CA PHE B 152 13.91 9.33 3.51
C PHE B 152 14.18 9.83 2.11
N PRO B 153 13.18 10.10 1.27
CA PRO B 153 11.75 9.86 1.49
C PRO B 153 11.39 8.47 1.04
N GLU B 154 10.12 8.08 1.13
CA GLU B 154 9.61 6.90 0.44
C GLU B 154 9.62 7.14 -1.05
N PRO B 155 9.61 6.10 -1.88
CA PRO B 155 9.65 4.72 -1.44
C PRO B 155 11.00 4.04 -1.57
N VAL B 156 11.05 2.78 -1.10
CA VAL B 156 12.06 1.84 -1.46
C VAL B 156 11.39 0.67 -2.22
N THR B 157 12.23 -0.03 -2.97
CA THR B 157 11.73 -1.30 -3.51
C THR B 157 12.53 -2.41 -2.84
N LEU B 158 11.90 -3.53 -2.58
CA LEU B 158 12.56 -4.67 -1.96
C LEU B 158 12.05 -5.91 -2.66
N THR B 159 13.00 -6.75 -3.03
CA THR B 159 12.71 -8.05 -3.60
C THR B 159 13.67 -9.06 -2.94
N TRP B 160 13.34 -10.33 -3.12
CA TRP B 160 14.18 -11.43 -2.63
C TRP B 160 14.69 -12.23 -3.81
N ASN B 161 16.00 -12.49 -3.81
CA ASN B 161 16.65 -13.23 -4.90
C ASN B 161 16.26 -12.66 -6.27
N SER B 162 16.31 -11.34 -6.39
CA SER B 162 16.12 -10.58 -7.62
C SER B 162 14.72 -10.78 -8.15
N GLY B 163 13.79 -11.13 -7.24
CA GLY B 163 12.38 -11.24 -7.59
C GLY B 163 12.02 -12.69 -7.84
N SER B 164 12.98 -13.61 -7.86
CA SER B 164 12.74 -15.02 -8.15
C SER B 164 12.15 -15.71 -6.93
N LEU B 165 12.30 -15.11 -5.75
CA LEU B 165 11.63 -15.63 -4.55
C LEU B 165 10.47 -14.70 -4.21
N SER B 166 9.25 -15.07 -4.55
CA SER B 166 8.13 -14.16 -4.37
C SER B 166 7.10 -14.75 -3.44
N SER B 167 6.99 -16.07 -3.45
CA SER B 167 6.05 -16.72 -2.53
C SER B 167 6.55 -16.71 -1.11
N GLY B 168 5.62 -16.67 -0.17
CA GLY B 168 6.06 -16.72 1.24
C GLY B 168 6.71 -15.44 1.71
N VAL B 169 6.51 -14.34 1.00
CA VAL B 169 7.08 -13.04 1.39
C VAL B 169 6.04 -12.14 2.03
N HIS B 170 6.43 -11.44 3.07
CA HIS B 170 5.60 -10.36 3.60
C HIS B 170 6.43 -9.09 3.73
N THR B 171 6.10 -8.06 2.96
CA THR B 171 6.79 -6.76 3.08
C THR B 171 5.87 -5.76 3.74
N PHE B 172 6.30 -5.22 4.85
CA PHE B 172 5.43 -4.45 5.71
C PHE B 172 5.47 -2.96 5.39
N PRO B 173 4.38 -2.24 5.61
CA PRO B 173 4.43 -0.79 5.42
C PRO B 173 5.51 -0.22 6.32
N ALA B 174 6.17 0.78 5.74
CA ALA B 174 7.19 1.49 6.50
C ALA B 174 6.54 2.33 7.60
N VAL B 175 7.32 2.59 8.64
CA VAL B 175 6.91 3.44 9.75
C VAL B 175 7.84 4.65 9.78
N LEU B 176 7.22 5.82 9.97
CA LEU B 176 7.96 7.08 9.97
C LEU B 176 8.23 7.54 11.39
N GLN B 177 9.49 7.86 11.69
CA GLN B 177 9.76 8.47 12.99
C GLN B 177 10.92 9.44 12.88
N SER B 178 10.83 10.66 13.36
CA SER B 178 11.95 11.61 13.29
C SER B 178 12.46 11.80 11.86
N ASP B 179 11.55 11.85 10.92
CA ASP B 179 11.82 12.14 9.51
C ASP B 179 12.64 11.06 8.82
N LEU B 180 12.57 9.83 9.34
CA LEU B 180 13.21 8.67 8.75
C LEU B 180 12.26 7.47 8.85
N TYR B 181 12.25 6.69 7.77
CA TYR B 181 11.43 5.48 7.69
C TYR B 181 12.20 4.21 7.99
N THR B 182 11.47 3.22 8.50
CA THR B 182 12.02 1.87 8.66
C THR B 182 11.00 0.90 8.09
N LEU B 183 11.44 -0.08 7.32
CA LEU B 183 10.55 -1.08 6.75
C LEU B 183 11.17 -2.45 7.03
N SER B 184 10.35 -3.47 7.17
CA SER B 184 10.86 -4.83 7.27
C SER B 184 10.19 -5.72 6.22
N SER B 185 10.83 -6.83 5.87
CA SER B 185 10.23 -7.88 5.07
C SER B 185 10.65 -9.23 5.60
N SER B 186 9.73 -10.19 5.58
CA SER B 186 10.06 -11.58 5.93
C SER B 186 9.89 -12.47 4.72
N VAL B 187 10.65 -13.57 4.73
CA VAL B 187 10.48 -14.58 3.69
C VAL B 187 10.57 -15.93 4.37
N THR B 188 9.65 -16.82 3.98
CA THR B 188 9.59 -18.16 4.60
C THR B 188 9.82 -19.20 3.51
N VAL B 189 10.73 -20.12 3.80
CA VAL B 189 11.08 -21.19 2.86
C VAL B 189 11.14 -22.53 3.57
N THR B 190 11.14 -23.59 2.77
CA THR B 190 11.32 -24.91 3.40
C THR B 190 12.70 -24.98 4.07
N SER B 191 12.75 -25.43 5.34
CA SER B 191 13.99 -25.25 6.11
C SER B 191 15.10 -26.07 5.49
N SER B 192 14.80 -27.22 4.88
CA SER B 192 15.91 -28.02 4.35
C SER B 192 16.55 -27.36 3.14
N THR B 193 15.94 -26.31 2.59
CA THR B 193 16.58 -25.61 1.47
C THR B 193 17.62 -24.58 1.89
N TRP B 194 17.71 -24.30 3.20
CA TRP B 194 18.53 -23.19 3.65
C TRP B 194 19.50 -23.72 4.67
N PRO B 195 20.78 -23.41 4.64
CA PRO B 195 21.37 -22.40 3.79
C PRO B 195 21.88 -22.86 2.44
N SER B 196 21.56 -24.04 1.95
CA SER B 196 22.06 -24.51 0.64
C SER B 196 21.70 -23.63 -0.54
N GLN B 197 20.47 -23.13 -0.53
CA GLN B 197 19.98 -22.18 -1.49
C GLN B 197 20.03 -20.81 -0.83
N SER B 198 20.90 -19.94 -1.32
CA SER B 198 21.04 -18.68 -0.60
C SER B 198 19.85 -17.77 -0.82
N ILE B 199 19.77 -16.85 0.12
CA ILE B 199 18.67 -15.85 0.15
C ILE B 199 19.26 -14.47 0.37
N THR B 200 18.91 -13.56 -0.54
CA THR B 200 19.42 -12.21 -0.60
C THR B 200 18.28 -11.22 -0.69
N CYS B 201 18.30 -10.19 0.14
CA CYS B 201 17.30 -9.13 -0.05
C CYS B 201 17.88 -8.04 -0.92
N ASN B 202 17.13 -7.66 -1.96
CA ASN B 202 17.61 -6.60 -2.86
C ASN B 202 16.82 -5.31 -2.63
N VAL B 203 17.50 -4.28 -2.15
CA VAL B 203 16.78 -3.05 -1.78
C VAL B 203 17.26 -1.94 -2.69
N ALA B 204 16.37 -1.13 -3.21
CA ALA B 204 16.73 0.05 -3.98
C ALA B 204 16.02 1.26 -3.36
N HIS B 205 16.72 2.36 -3.25
CA HIS B 205 16.18 3.64 -2.81
C HIS B 205 16.43 4.68 -3.91
N PRO B 206 15.53 4.79 -4.89
CA PRO B 206 15.81 5.67 -6.02
C PRO B 206 16.15 7.10 -5.60
N ALA B 207 15.55 7.66 -4.54
CA ALA B 207 15.82 9.05 -4.21
C ALA B 207 17.28 9.29 -3.89
N SER B 208 17.97 8.27 -3.34
CA SER B 208 19.40 8.47 -3.04
C SER B 208 20.29 7.71 -4.01
N SER B 209 19.72 7.14 -5.06
CA SER B 209 20.44 6.38 -6.09
C SER B 209 21.23 5.23 -5.50
N THR B 210 20.69 4.65 -4.42
CA THR B 210 21.42 3.62 -3.70
C THR B 210 20.75 2.26 -3.87
N LYS B 211 21.56 1.21 -3.99
CA LYS B 211 21.09 -0.17 -3.99
C LYS B 211 21.94 -0.98 -3.02
N VAL B 212 21.30 -1.93 -2.34
CA VAL B 212 21.99 -2.85 -1.41
C VAL B 212 21.47 -4.24 -1.71
N ASP B 213 22.38 -5.18 -1.81
CA ASP B 213 22.01 -6.58 -2.05
C ASP B 213 22.58 -7.36 -0.87
N LYS B 214 21.74 -7.63 0.10
CA LYS B 214 22.21 -8.22 1.36
C LYS B 214 21.92 -9.71 1.43
N LYS B 215 22.95 -10.54 1.32
CA LYS B 215 22.83 -11.97 1.54
C LYS B 215 22.62 -12.27 3.02
N ILE B 216 21.61 -13.11 3.28
CA ILE B 216 21.32 -13.45 4.66
C ILE B 216 22.24 -14.60 5.07
N GLU B 217 23.12 -14.37 6.02
CA GLU B 217 24.03 -15.43 6.47
C GLU B 217 23.50 -16.07 7.73
N PRO B 218 23.57 -17.37 7.88
CA PRO B 218 23.12 -17.92 9.18
C PRO B 218 23.99 -17.46 10.34
N ARG B 219 23.42 -17.47 11.54
CA ARG B 219 24.12 -17.32 12.81
C ARG B 219 24.89 -18.62 12.95
N GLY B 220 26.02 -18.58 13.66
CA GLY B 220 26.84 -19.81 13.68
C GLY B 220 27.86 -19.65 12.57
N PRO B 221 28.65 -20.69 12.39
CA PRO B 221 29.70 -20.67 11.38
C PRO B 221 29.12 -20.51 9.97
N THR B 222 29.80 -19.69 9.15
CA THR B 222 29.38 -19.44 7.76
C THR B 222 30.50 -19.75 6.78
C BEZ C . -13.47 12.87 -16.42
O1 BEZ C . -12.66 12.17 -17.06
O2 BEZ C . -13.10 13.63 -15.50
C1 BEZ C . -14.97 12.80 -16.75
C2 BEZ C . -15.79 13.60 -15.99
C3 BEZ C . -17.35 13.48 -16.26
C4 BEZ C . -17.63 12.65 -17.35
C5 BEZ C . -16.74 11.93 -18.17
C6 BEZ C . -15.36 11.99 -17.85
C1 GOL D . 9.22 -0.94 11.59
O1 GOL D . 10.44 -1.13 12.28
C2 GOL D . 9.15 -1.73 10.28
O2 GOL D . 9.06 -3.12 10.54
C3 GOL D . 7.87 -1.37 9.46
O3 GOL D . 7.89 -2.14 8.25
C1 GOL E . -14.97 12.32 -27.88
O1 GOL E . -16.24 11.96 -27.32
C2 GOL E . -14.91 12.03 -29.39
O2 GOL E . -14.81 10.58 -29.50
C3 GOL E . -16.32 12.31 -30.01
O3 GOL E . -16.30 11.86 -31.36
C1 GOL F . 24.68 -2.77 6.40
O1 GOL F . 24.09 -4.07 6.53
C2 GOL F . 25.18 -2.53 4.97
O2 GOL F . 25.95 -3.64 4.54
C3 GOL F . 24.05 -2.38 3.93
O3 GOL F . 23.28 -1.21 4.31
C1 GOL G . 0.37 22.24 -26.46
O1 GOL G . 1.54 22.37 -25.66
C2 GOL G . 0.70 21.60 -27.81
O2 GOL G . 1.43 20.41 -27.60
C3 GOL G . -0.57 21.25 -28.62
O3 GOL G . -0.22 20.75 -29.90
#